data_7DAY
#
_entry.id   7DAY
#
_cell.length_a   58.700
_cell.length_b   75.100
_cell.length_c   108.410
_cell.angle_alpha   90.000
_cell.angle_beta   90.000
_cell.angle_gamma   90.000
#
_symmetry.space_group_name_H-M   'P 21 21 21'
#
loop_
_entity.id
_entity.type
_entity.pdbx_description
1 polymer 'Glutathione S-transferase E14'
2 non-polymer '2-[(5-tert-butyl-2-methyl-phenyl)sulfonylamino]benzoic acid'
3 non-polymer GLUTATHIONE
4 non-polymer 2,3-DIHYDROXY-1,4-DITHIOBUTANE
5 water water
#
_entity_poly.entity_id   1
_entity_poly.type   'polypeptide(L)'
_entity_poly.pdbx_seq_one_letter_code
;MNHKVHMMSQPKPILYYDERSPPVRSCLMLIKLLDIDVELRFVNLFKGEQFQKDFLALNPQHSVPTLVHGDLVLTDSHAI
LIHLAEKFDEGGSLWPQEHAERMKVLNLLLFECSFLFRRDSDFMSAIVRQGFANVDVAHHERKLTEAYIIMERYLENSDF
MAGPQLTLADLSIVTTLSTVNLMFPLSQFPRLRRWFTAMQQLDAYEANCSGLEKLRQTMESVGSFQFPSSSAVVTEKVE
;
_entity_poly.pdbx_strand_id   A,B
#
loop_
_chem_comp.id
_chem_comp.type
_chem_comp.name
_chem_comp.formula
DTT non-polymer 2,3-DIHYDROXY-1,4-DITHIOBUTANE 'C4 H10 O2 S2'
GSH non-polymer GLUTATHIONE 'C10 H17 N3 O6 S'
H1X non-polymer '2-[(5-tert-butyl-2-methyl-phenyl)sulfonylamino]benzoic acid' 'C18 H21 N O4 S'
#
# COMPACT_ATOMS: atom_id res chain seq x y z
N GLN A 10 -24.69 17.95 -5.62
CA GLN A 10 -23.73 17.48 -4.64
C GLN A 10 -24.23 16.19 -3.99
N PRO A 11 -24.25 15.10 -4.75
CA PRO A 11 -24.81 13.84 -4.22
C PRO A 11 -23.97 13.32 -3.07
N LYS A 12 -24.60 12.49 -2.24
CA LYS A 12 -23.90 11.88 -1.13
C LYS A 12 -23.00 10.76 -1.64
N PRO A 13 -21.94 10.44 -0.88
CA PRO A 13 -20.99 9.43 -1.36
C PRO A 13 -21.65 8.09 -1.60
N ILE A 14 -21.15 7.38 -2.60
CA ILE A 14 -21.57 6.03 -2.93
C ILE A 14 -20.40 5.10 -2.65
N LEU A 15 -20.63 4.05 -1.86
CA LEU A 15 -19.59 3.10 -1.51
C LEU A 15 -19.93 1.74 -2.12
N TYR A 16 -19.12 1.30 -3.08
CA TYR A 16 -19.20 -0.06 -3.57
C TYR A 16 -18.39 -0.94 -2.62
N TYR A 17 -19.01 -2.00 -2.13
CA TYR A 17 -18.49 -2.67 -0.95
C TYR A 17 -18.81 -4.16 -0.96
N ASP A 18 -17.98 -4.90 -0.25
CA ASP A 18 -18.28 -6.26 0.19
C ASP A 18 -17.71 -6.33 1.60
N GLU A 19 -18.58 -6.45 2.61
CA GLU A 19 -18.14 -6.27 3.99
C GLU A 19 -17.12 -7.31 4.44
N ARG A 20 -16.95 -8.40 3.70
CA ARG A 20 -15.91 -9.36 4.04
C ARG A 20 -14.52 -8.77 3.90
N SER A 21 -14.36 -7.75 3.06
CA SER A 21 -13.06 -7.12 2.85
C SER A 21 -12.69 -6.25 4.06
N PRO A 22 -11.52 -6.46 4.66
CA PRO A 22 -11.12 -5.63 5.81
C PRO A 22 -11.05 -4.16 5.42
N PRO A 23 -10.41 -3.82 4.30
CA PRO A 23 -10.41 -2.40 3.89
C PRO A 23 -11.79 -1.80 3.77
N VAL A 24 -12.77 -2.56 3.28
CA VAL A 24 -14.15 -2.09 3.26
C VAL A 24 -14.61 -1.79 4.68
N ARG A 25 -14.35 -2.71 5.60
CA ARG A 25 -14.80 -2.54 6.98
C ARG A 25 -14.16 -1.32 7.63
N SER A 26 -12.94 -0.97 7.24
CA SER A 26 -12.33 0.27 7.75
C SER A 26 -13.15 1.48 7.33
N CYS A 27 -13.62 1.51 6.09
CA CYS A 27 -14.45 2.62 5.63
C CYS A 27 -15.81 2.60 6.33
N LEU A 28 -16.40 1.42 6.52
CA LEU A 28 -17.65 1.34 7.25
C LEU A 28 -17.51 1.87 8.66
N MET A 29 -16.38 1.59 9.31
CA MET A 29 -16.15 2.08 10.66
C MET A 29 -16.09 3.60 10.68
N LEU A 30 -15.37 4.20 9.73
CA LEU A 30 -15.30 5.65 9.66
C LEU A 30 -16.66 6.26 9.37
N ILE A 31 -17.43 5.62 8.48
CA ILE A 31 -18.76 6.13 8.15
C ILE A 31 -19.66 6.14 9.38
N LYS A 32 -19.60 5.07 10.18
CA LYS A 32 -20.34 5.02 11.43
C LYS A 32 -19.81 6.07 12.41
N LEU A 33 -18.49 6.13 12.58
CA LEU A 33 -17.90 7.03 13.56
C LEU A 33 -18.30 8.48 13.31
N LEU A 34 -18.35 8.88 12.05
CA LEU A 34 -18.61 10.27 11.68
C LEU A 34 -20.06 10.52 11.29
N ASP A 35 -20.91 9.50 11.33
CA ASP A 35 -22.32 9.63 10.97
C ASP A 35 -22.50 10.19 9.56
N ILE A 36 -21.73 9.63 8.63
CA ILE A 36 -21.82 10.04 7.23
C ILE A 36 -22.95 9.29 6.55
N ASP A 37 -23.81 10.02 5.85
CA ASP A 37 -24.85 9.40 5.04
C ASP A 37 -24.25 8.98 3.71
N VAL A 38 -24.18 7.67 3.48
CA VAL A 38 -23.53 7.10 2.30
C VAL A 38 -24.45 6.05 1.72
N GLU A 39 -24.60 6.06 0.39
CA GLU A 39 -25.32 4.99 -0.28
C GLU A 39 -24.40 3.79 -0.48
N LEU A 40 -24.85 2.62 -0.06
CA LEU A 40 -24.07 1.40 -0.15
C LEU A 40 -24.55 0.59 -1.36
N ARG A 41 -23.59 0.13 -2.16
CA ARG A 41 -23.87 -0.70 -3.33
C ARG A 41 -23.02 -1.95 -3.23
N PHE A 42 -23.68 -3.09 -3.04
CA PHE A 42 -22.99 -4.34 -2.77
C PHE A 42 -22.37 -4.91 -4.04
N VAL A 43 -21.11 -5.32 -3.95
CA VAL A 43 -20.39 -5.99 -5.03
C VAL A 43 -19.87 -7.29 -4.44
N ASN A 44 -20.48 -8.41 -4.84
CA ASN A 44 -20.14 -9.71 -4.25
C ASN A 44 -18.85 -10.22 -4.87
N LEU A 45 -17.76 -10.14 -4.13
CA LEU A 45 -16.43 -10.56 -4.63
C LEU A 45 -16.33 -12.06 -4.83
N PHE A 46 -17.13 -12.84 -4.10
N PHE A 46 -17.12 -12.84 -4.10
CA PHE A 46 -17.06 -14.32 -4.22
CA PHE A 46 -17.08 -14.31 -4.19
C PHE A 46 -17.88 -14.81 -5.42
C PHE A 46 -17.85 -14.81 -5.43
N LYS A 47 -18.67 -13.94 -6.00
CA LYS A 47 -19.45 -14.26 -7.20
C LYS A 47 -18.77 -13.61 -8.41
N GLY A 48 -17.76 -12.76 -8.18
CA GLY A 48 -17.05 -12.16 -9.31
C GLY A 48 -17.74 -10.94 -9.88
N GLU A 49 -18.56 -10.29 -9.08
CA GLU A 49 -19.31 -9.10 -9.53
C GLU A 49 -18.38 -7.91 -9.79
N GLN A 50 -17.18 -7.93 -9.23
CA GLN A 50 -16.16 -6.88 -9.44
C GLN A 50 -15.65 -6.88 -10.90
N PHE A 51 -15.95 -7.92 -11.66
CA PHE A 51 -15.60 -8.02 -13.09
C PHE A 51 -16.80 -7.64 -13.96
N GLN A 52 -17.90 -7.20 -13.36
CA GLN A 52 -19.03 -6.77 -14.21
C GLN A 52 -18.54 -5.56 -15.02
N LYS A 53 -18.90 -5.52 -16.29
CA LYS A 53 -18.46 -4.44 -17.23
C LYS A 53 -18.55 -3.04 -16.65
N ASP A 54 -19.65 -2.68 -16.02
CA ASP A 54 -19.77 -1.29 -15.54
C ASP A 54 -18.84 -1.05 -14.35
N PHE A 55 -18.68 -2.05 -13.50
CA PHE A 55 -17.80 -1.85 -12.32
C PHE A 55 -16.34 -1.77 -12.77
N LEU A 56 -15.96 -2.61 -13.72
CA LEU A 56 -14.60 -2.55 -14.29
C LEU A 56 -14.37 -1.20 -14.96
N ALA A 57 -15.37 -0.64 -15.62
CA ALA A 57 -15.20 0.68 -16.24
C ALA A 57 -14.96 1.73 -15.16
N LEU A 58 -15.61 1.62 -14.01
CA LEU A 58 -15.46 2.58 -12.92
C LEU A 58 -14.09 2.38 -12.25
N ASN A 59 -13.74 1.12 -12.02
CA ASN A 59 -12.50 0.76 -11.29
C ASN A 59 -11.79 -0.39 -12.01
N PRO A 60 -10.83 -0.09 -12.88
CA PRO A 60 -10.10 -1.13 -13.56
C PRO A 60 -9.37 -2.10 -12.60
N GLN A 61 -9.12 -1.68 -11.37
CA GLN A 61 -8.52 -2.59 -10.40
C GLN A 61 -9.52 -3.61 -9.86
N HIS A 62 -10.79 -3.51 -10.24
CA HIS A 62 -11.84 -4.43 -9.81
C HIS A 62 -11.72 -4.77 -8.32
N SER A 63 -11.68 -3.71 -7.50
CA SER A 63 -11.48 -3.87 -6.07
C SER A 63 -12.49 -3.05 -5.30
N VAL A 64 -12.81 -3.51 -4.09
CA VAL A 64 -13.59 -2.75 -3.13
C VAL A 64 -12.70 -2.51 -1.91
N PRO A 65 -12.87 -1.39 -1.20
CA PRO A 65 -13.91 -0.39 -1.43
C PRO A 65 -13.61 0.51 -2.62
N THR A 66 -14.67 0.95 -3.30
CA THR A 66 -14.60 2.01 -4.29
C THR A 66 -15.62 3.07 -3.91
N LEU A 67 -15.19 4.33 -3.88
CA LEU A 67 -16.05 5.44 -3.51
C LEU A 67 -16.27 6.35 -4.72
N VAL A 68 -17.52 6.66 -4.98
CA VAL A 68 -17.89 7.66 -5.97
C VAL A 68 -18.56 8.80 -5.20
N HIS A 69 -17.91 9.96 -5.18
CA HIS A 69 -18.42 11.13 -4.46
C HIS A 69 -18.40 12.30 -5.44
N GLY A 70 -19.56 12.65 -5.97
CA GLY A 70 -19.60 13.61 -7.06
C GLY A 70 -18.89 13.03 -8.25
N ASP A 71 -17.92 13.77 -8.77
CA ASP A 71 -17.09 13.30 -9.88
C ASP A 71 -15.86 12.54 -9.42
N LEU A 72 -15.58 12.51 -8.12
CA LEU A 72 -14.37 11.88 -7.61
C LEU A 72 -14.60 10.38 -7.44
N VAL A 73 -13.68 9.59 -7.99
CA VAL A 73 -13.74 8.13 -7.92
C VAL A 73 -12.47 7.67 -7.23
N LEU A 74 -12.60 7.12 -6.02
CA LEU A 74 -11.49 6.62 -5.24
C LEU A 74 -11.53 5.10 -5.20
N THR A 75 -10.38 4.47 -5.44
CA THR A 75 -10.30 3.02 -5.58
C THR A 75 -9.35 2.39 -4.56
N ASP A 76 -9.12 3.06 -3.43
CA ASP A 76 -8.27 2.52 -2.38
C ASP A 76 -8.82 2.99 -1.05
N SER A 77 -8.94 2.05 -0.09
CA SER A 77 -9.54 2.37 1.20
C SER A 77 -8.82 3.54 1.88
N HIS A 78 -7.51 3.64 1.70
CA HIS A 78 -6.75 4.65 2.44
C HIS A 78 -7.02 6.06 1.90
N ALA A 79 -7.20 6.18 0.58
CA ALA A 79 -7.65 7.45 0.03
C ALA A 79 -9.07 7.77 0.46
N ILE A 80 -9.92 6.73 0.56
CA ILE A 80 -11.30 6.94 0.97
C ILE A 80 -11.35 7.45 2.41
N LEU A 81 -10.58 6.82 3.29
CA LEU A 81 -10.53 7.27 4.69
C LEU A 81 -10.07 8.72 4.78
N ILE A 82 -9.02 9.06 4.04
CA ILE A 82 -8.50 10.43 4.08
C ILE A 82 -9.52 11.41 3.52
N HIS A 83 -10.13 11.06 2.38
CA HIS A 83 -11.11 11.95 1.77
C HIS A 83 -12.29 12.21 2.69
N LEU A 84 -12.86 11.13 3.25
CA LEU A 84 -14.01 11.28 4.13
C LEU A 84 -13.65 12.05 5.40
N ALA A 85 -12.44 11.82 5.93
CA ALA A 85 -12.01 12.56 7.10
C ALA A 85 -11.89 14.05 6.80
N GLU A 86 -11.36 14.39 5.63
CA GLU A 86 -11.20 15.80 5.29
C GLU A 86 -12.53 16.47 4.99
N LYS A 87 -13.50 15.71 4.50
CA LYS A 87 -14.81 16.26 4.14
C LYS A 87 -15.80 16.24 5.28
N PHE A 88 -15.67 15.30 6.22
CA PHE A 88 -16.63 15.15 7.30
C PHE A 88 -16.05 15.20 8.70
N ASP A 89 -14.73 15.14 8.85
CA ASP A 89 -14.06 15.40 10.12
C ASP A 89 -13.09 16.57 9.97
N GLU A 90 -13.50 17.58 9.22
CA GLU A 90 -12.64 18.72 8.95
C GLU A 90 -12.13 19.33 10.25
N GLY A 91 -10.82 19.57 10.30
CA GLY A 91 -10.18 20.10 11.49
C GLY A 91 -10.06 19.13 12.64
N GLY A 92 -10.51 17.89 12.48
CA GLY A 92 -10.55 16.93 13.56
C GLY A 92 -9.22 16.24 13.79
N SER A 93 -9.25 15.26 14.71
CA SER A 93 -8.05 14.58 15.17
C SER A 93 -7.84 13.20 14.54
N LEU A 94 -8.84 12.66 13.83
CA LEU A 94 -8.64 11.37 13.17
C LEU A 94 -7.59 11.47 12.09
N TRP A 95 -7.52 12.62 11.40
CA TRP A 95 -6.56 12.89 10.35
C TRP A 95 -5.93 14.21 10.79
N PRO A 96 -4.98 14.14 11.72
CA PRO A 96 -4.64 15.33 12.52
C PRO A 96 -4.09 16.48 11.69
N GLN A 97 -4.19 17.68 12.28
CA GLN A 97 -3.89 18.91 11.56
C GLN A 97 -2.38 19.18 11.47
N GLU A 98 -1.65 18.93 12.55
CA GLU A 98 -0.22 19.22 12.53
C GLU A 98 0.50 18.26 11.60
N HIS A 99 1.45 18.79 10.82
CA HIS A 99 2.06 18.03 9.75
C HIS A 99 2.67 16.73 10.25
N ALA A 100 3.51 16.81 11.28
CA ALA A 100 4.20 15.62 11.76
C ALA A 100 3.22 14.55 12.21
N GLU A 101 2.14 14.95 12.91
CA GLU A 101 1.14 13.98 13.33
C GLU A 101 0.44 13.36 12.14
N ARG A 102 0.12 14.17 11.12
CA ARG A 102 -0.54 13.64 9.93
C ARG A 102 0.37 12.69 9.17
N MET A 103 1.65 13.03 9.04
CA MET A 103 2.58 12.13 8.37
C MET A 103 2.69 10.80 9.10
N LYS A 104 2.64 10.82 10.43
CA LYS A 104 2.68 9.58 11.19
C LYS A 104 1.47 8.71 10.89
N VAL A 105 0.29 9.30 10.83
CA VAL A 105 -0.91 8.55 10.47
C VAL A 105 -0.77 8.00 9.04
N LEU A 106 -0.33 8.83 8.11
CA LEU A 106 -0.12 8.39 6.74
C LEU A 106 0.87 7.24 6.69
N ASN A 107 1.95 7.32 7.48
CA ASN A 107 2.93 6.24 7.51
C ASN A 107 2.30 4.92 7.92
N LEU A 108 1.42 4.95 8.93
CA LEU A 108 0.80 3.72 9.41
C LEU A 108 -0.25 3.21 8.42
N LEU A 109 -0.99 4.11 7.77
CA LEU A 109 -1.90 3.69 6.72
C LEU A 109 -1.15 2.92 5.64
N LEU A 110 0.05 3.39 5.29
CA LEU A 110 0.83 2.72 4.25
C LEU A 110 1.41 1.40 4.75
N PHE A 111 1.74 1.32 6.04
CA PHE A 111 2.11 0.04 6.63
C PHE A 111 0.99 -0.99 6.45
N GLU A 112 -0.26 -0.57 6.74
CA GLU A 112 -1.38 -1.48 6.57
C GLU A 112 -1.49 -1.93 5.11
N CYS A 113 -1.38 -0.99 4.18
CA CYS A 113 -1.47 -1.33 2.76
C CYS A 113 -0.33 -2.25 2.33
N SER A 114 0.90 -1.83 2.61
CA SER A 114 2.07 -2.46 2.00
C SER A 114 2.54 -3.70 2.75
N PHE A 115 2.20 -3.85 4.03
CA PHE A 115 2.78 -4.91 4.85
C PHE A 115 1.70 -5.79 5.47
N LEU A 116 0.84 -5.24 6.32
CA LEU A 116 -0.14 -6.05 7.04
C LEU A 116 -1.17 -6.64 6.08
N PHE A 117 -1.85 -5.80 5.32
CA PHE A 117 -2.87 -6.31 4.40
C PHE A 117 -2.24 -7.21 3.33
N ARG A 118 -1.11 -6.81 2.78
CA ARG A 118 -0.46 -7.62 1.77
C ARG A 118 -0.24 -9.05 2.26
N ARG A 119 0.27 -9.18 3.49
CA ARG A 119 0.58 -10.51 4.01
C ARG A 119 -0.70 -11.28 4.35
N ASP A 120 -1.71 -10.61 4.89
CA ASP A 120 -2.97 -11.30 5.13
C ASP A 120 -3.63 -11.72 3.81
N SER A 121 -3.59 -10.83 2.82
CA SER A 121 -4.14 -11.15 1.50
C SER A 121 -3.41 -12.36 0.90
N ASP A 122 -2.09 -12.39 1.00
CA ASP A 122 -1.33 -13.53 0.49
C ASP A 122 -1.82 -14.82 1.13
N PHE A 123 -1.95 -14.81 2.46
CA PHE A 123 -2.36 -16.01 3.19
C PHE A 123 -3.77 -16.43 2.79
N MET A 124 -4.71 -15.49 2.81
CA MET A 124 -6.11 -15.84 2.57
C MET A 124 -6.34 -16.22 1.11
N SER A 125 -5.64 -15.55 0.19
N SER A 125 -5.65 -15.56 0.18
CA SER A 125 -5.74 -15.89 -1.22
CA SER A 125 -5.81 -15.93 -1.22
C SER A 125 -5.23 -17.30 -1.49
C SER A 125 -5.22 -17.31 -1.50
N ALA A 126 -4.17 -17.69 -0.79
CA ALA A 126 -3.63 -19.04 -0.94
C ALA A 126 -4.63 -20.08 -0.48
N ILE A 127 -5.34 -19.81 0.62
CA ILE A 127 -6.38 -20.72 1.08
C ILE A 127 -7.43 -20.91 0.01
N VAL A 128 -7.88 -19.81 -0.60
CA VAL A 128 -8.95 -19.88 -1.59
C VAL A 128 -8.48 -20.63 -2.84
N ARG A 129 -7.26 -20.39 -3.27
CA ARG A 129 -6.77 -20.98 -4.51
C ARG A 129 -6.38 -22.44 -4.33
N GLN A 130 -5.83 -22.79 -3.17
CA GLN A 130 -5.21 -24.08 -2.95
C GLN A 130 -6.00 -24.99 -2.04
N GLY A 131 -6.88 -24.45 -1.22
CA GLY A 131 -7.47 -25.22 -0.13
C GLY A 131 -6.57 -25.17 1.07
N PHE A 132 -7.15 -25.03 2.27
CA PHE A 132 -6.33 -24.83 3.45
C PHE A 132 -5.29 -25.93 3.63
N ALA A 133 -5.68 -27.19 3.41
CA ALA A 133 -4.77 -28.31 3.64
C ALA A 133 -3.51 -28.22 2.79
N ASN A 134 -3.55 -27.51 1.67
CA ASN A 134 -2.41 -27.42 0.76
C ASN A 134 -1.64 -26.11 0.88
N VAL A 135 -1.97 -25.28 1.87
CA VAL A 135 -1.28 -24.02 2.09
C VAL A 135 -0.12 -24.25 3.04
N ASP A 136 1.00 -23.58 2.78
CA ASP A 136 2.13 -23.59 3.70
C ASP A 136 1.80 -22.65 4.84
N VAL A 137 1.05 -23.17 5.81
CA VAL A 137 0.53 -22.33 6.89
C VAL A 137 1.68 -21.78 7.74
N ALA A 138 2.71 -22.60 7.98
CA ALA A 138 3.82 -22.14 8.80
C ALA A 138 4.53 -20.94 8.16
N HIS A 139 4.64 -20.94 6.83
CA HIS A 139 5.23 -19.79 6.14
C HIS A 139 4.42 -18.53 6.41
N HIS A 140 3.10 -18.62 6.27
CA HIS A 140 2.26 -17.45 6.49
C HIS A 140 2.19 -17.07 7.96
N GLU A 141 2.27 -18.06 8.87
CA GLU A 141 2.36 -17.74 10.29
C GLU A 141 3.59 -16.88 10.57
N ARG A 142 4.71 -17.20 9.92
CA ARG A 142 5.93 -16.40 10.09
C ARG A 142 5.73 -14.99 9.55
N LYS A 143 5.29 -14.86 8.30
CA LYS A 143 4.99 -13.54 7.72
C LYS A 143 4.07 -12.73 8.60
N LEU A 144 2.98 -13.32 9.10
CA LEU A 144 2.00 -12.52 9.83
C LEU A 144 2.40 -12.28 11.29
N THR A 145 3.09 -13.23 11.91
CA THR A 145 3.67 -12.96 13.22
C THR A 145 4.65 -11.80 13.16
N GLU A 146 5.39 -11.69 12.05
CA GLU A 146 6.29 -10.55 11.88
C GLU A 146 5.50 -9.24 11.88
N ALA A 147 4.29 -9.25 11.33
CA ALA A 147 3.44 -8.07 11.38
C ALA A 147 2.98 -7.78 12.81
N TYR A 148 2.60 -8.83 13.55
CA TYR A 148 2.28 -8.67 14.96
C TYR A 148 3.43 -8.01 15.71
N ILE A 149 4.65 -8.50 15.48
CA ILE A 149 5.83 -7.96 16.14
C ILE A 149 5.97 -6.47 15.86
N ILE A 150 5.78 -6.08 14.60
CA ILE A 150 5.94 -4.67 14.23
C ILE A 150 4.88 -3.81 14.91
N MET A 151 3.62 -4.27 14.92
CA MET A 151 2.58 -3.49 15.57
C MET A 151 2.79 -3.40 17.07
N GLU A 152 3.26 -4.49 17.68
CA GLU A 152 3.61 -4.45 19.10
C GLU A 152 4.67 -3.38 19.36
N ARG A 153 5.61 -3.22 18.44
CA ARG A 153 6.67 -2.18 18.55
C ARG A 153 6.07 -0.79 18.42
N TYR A 154 5.13 -0.63 17.52
CA TYR A 154 4.47 0.68 17.33
C TYR A 154 3.68 1.06 18.58
N LEU A 155 3.13 0.09 19.28
CA LEU A 155 2.30 0.38 20.48
C LEU A 155 3.14 0.42 21.75
N GLU A 156 4.44 0.23 21.62
CA GLU A 156 5.29 0.26 22.83
C GLU A 156 5.51 1.72 23.21
N ASN A 157 5.45 2.60 22.21
CA ASN A 157 5.60 4.06 22.31
C ASN A 157 4.26 4.79 22.53
N SER A 158 3.10 4.28 22.07
CA SER A 158 1.80 5.00 22.22
C SER A 158 0.61 4.06 22.42
N ASP A 159 -0.50 4.54 22.96
CA ASP A 159 -1.70 3.68 23.15
C ASP A 159 -2.39 3.44 21.82
N PHE A 160 -2.21 4.33 20.86
CA PHE A 160 -2.83 4.03 19.56
C PHE A 160 -1.72 3.88 18.54
N MET A 161 -2.08 3.39 17.36
CA MET A 161 -1.05 3.07 16.37
C MET A 161 -0.20 4.26 15.96
N ALA A 162 -0.81 5.41 15.81
CA ALA A 162 -0.09 6.57 15.28
C ALA A 162 0.02 7.71 16.29
N GLY A 163 -0.22 7.44 17.57
CA GLY A 163 -0.11 8.47 18.58
C GLY A 163 -0.97 8.21 19.80
N PRO A 164 -1.20 9.26 20.60
CA PRO A 164 -1.91 9.10 21.86
C PRO A 164 -3.42 8.92 21.71
N GLN A 165 -3.95 8.95 20.50
CA GLN A 165 -5.38 9.05 20.31
C GLN A 165 -5.78 8.41 18.99
N LEU A 166 -7.06 8.05 18.91
CA LEU A 166 -7.58 7.32 17.75
C LEU A 166 -7.39 8.13 16.48
N THR A 167 -6.88 7.48 15.44
CA THR A 167 -6.73 8.11 14.13
C THR A 167 -7.20 7.14 13.06
N LEU A 168 -7.16 7.61 11.81
CA LEU A 168 -7.49 6.74 10.68
C LEU A 168 -6.63 5.49 10.67
N ALA A 169 -5.39 5.58 11.19
CA ALA A 169 -4.50 4.43 11.17
C ALA A 169 -5.10 3.26 11.96
N ASP A 170 -5.73 3.56 13.09
CA ASP A 170 -6.33 2.49 13.90
C ASP A 170 -7.51 1.85 13.17
N LEU A 171 -8.32 2.65 12.49
CA LEU A 171 -9.45 2.12 11.74
C LEU A 171 -8.97 1.21 10.63
N SER A 172 -7.94 1.63 9.89
CA SER A 172 -7.41 0.82 8.81
C SER A 172 -6.80 -0.48 9.33
N ILE A 173 -6.03 -0.40 10.39
CA ILE A 173 -5.29 -1.59 10.88
C ILE A 173 -6.17 -2.58 11.64
N VAL A 174 -7.16 -2.10 12.37
CA VAL A 174 -7.94 -3.03 13.23
C VAL A 174 -8.76 -4.03 12.41
N THR A 175 -9.23 -3.62 11.24
CA THR A 175 -10.04 -4.55 10.45
C THR A 175 -9.15 -5.69 9.93
N THR A 176 -7.99 -5.36 9.40
CA THR A 176 -7.12 -6.44 8.91
C THR A 176 -6.55 -7.23 10.09
N LEU A 177 -6.25 -6.55 11.19
CA LEU A 177 -5.74 -7.27 12.38
C LEU A 177 -6.78 -8.31 12.85
N SER A 178 -8.03 -7.91 12.90
CA SER A 178 -9.09 -8.85 13.33
C SER A 178 -9.22 -10.03 12.37
N THR A 179 -8.96 -9.82 11.09
CA THR A 179 -9.00 -10.89 10.09
C THR A 179 -7.83 -11.84 10.26
N VAL A 180 -6.64 -11.29 10.48
CA VAL A 180 -5.45 -12.17 10.74
C VAL A 180 -5.68 -12.97 12.02
N ASN A 181 -6.26 -12.34 13.03
CA ASN A 181 -6.49 -12.97 14.36
C ASN A 181 -7.57 -14.03 14.30
N LEU A 182 -8.33 -14.12 13.23
CA LEU A 182 -9.17 -15.30 13.07
C LEU A 182 -8.33 -16.56 13.12
N MET A 183 -7.11 -16.50 12.61
CA MET A 183 -6.24 -17.67 12.50
C MET A 183 -5.12 -17.67 13.52
N PHE A 184 -4.47 -16.53 13.76
CA PHE A 184 -3.25 -16.51 14.55
C PHE A 184 -3.45 -15.78 15.86
N PRO A 185 -3.20 -16.44 17.00
CA PRO A 185 -3.52 -15.85 18.29
C PRO A 185 -2.58 -14.71 18.65
N LEU A 186 -3.07 -13.85 19.54
CA LEU A 186 -2.34 -12.68 20.01
C LEU A 186 -1.76 -12.89 21.40
N SER A 187 -1.59 -14.15 21.81
CA SER A 187 -1.20 -14.47 23.18
C SER A 187 0.09 -13.77 23.57
N GLN A 188 1.06 -13.70 22.66
CA GLN A 188 2.40 -13.22 22.96
C GLN A 188 2.54 -11.71 22.78
N PHE A 189 1.44 -10.98 22.58
CA PHE A 189 1.48 -9.59 22.17
C PHE A 189 0.58 -8.77 23.09
N PRO A 190 1.06 -8.46 24.29
CA PRO A 190 0.19 -7.77 25.27
C PRO A 190 -0.27 -6.39 24.84
N ARG A 191 0.62 -5.58 24.25
CA ARG A 191 0.22 -4.25 23.82
C ARG A 191 -0.81 -4.34 22.70
N LEU A 192 -0.60 -5.26 21.76
CA LEU A 192 -1.55 -5.44 20.66
C LEU A 192 -2.89 -5.92 21.18
N ARG A 193 -2.89 -6.83 22.15
CA ARG A 193 -4.14 -7.28 22.75
C ARG A 193 -4.85 -6.14 23.47
N ARG A 194 -4.10 -5.35 24.25
CA ARG A 194 -4.71 -4.23 24.95
C ARG A 194 -5.31 -3.24 23.97
N TRP A 195 -4.59 -2.95 22.89
CA TRP A 195 -5.09 -2.04 21.85
C TRP A 195 -6.33 -2.63 21.18
N PHE A 196 -6.26 -3.90 20.77
CA PHE A 196 -7.38 -4.52 20.08
C PHE A 196 -8.63 -4.54 20.97
N THR A 197 -8.45 -4.85 22.25
CA THR A 197 -9.56 -4.82 23.19
C THR A 197 -10.17 -3.42 23.28
N ALA A 198 -9.33 -2.39 23.40
CA ALA A 198 -9.83 -1.03 23.43
C ALA A 198 -10.60 -0.69 22.16
N MET A 199 -10.07 -1.12 21.01
CA MET A 199 -10.76 -0.86 19.75
C MET A 199 -12.13 -1.53 19.74
N GLN A 200 -12.22 -2.73 20.30
CA GLN A 200 -13.49 -3.46 20.33
C GLN A 200 -14.53 -2.79 21.22
N GLN A 201 -14.11 -1.94 22.16
CA GLN A 201 -15.06 -1.21 22.99
C GLN A 201 -15.67 0.00 22.27
N LEU A 202 -15.07 0.42 21.16
CA LEU A 202 -15.57 1.59 20.46
C LEU A 202 -16.89 1.25 19.75
N ASP A 203 -17.84 2.18 19.84
CA ASP A 203 -19.11 2.00 19.15
C ASP A 203 -18.89 1.74 17.66
N ALA A 204 -17.91 2.42 17.07
CA ALA A 204 -17.66 2.27 15.64
C ALA A 204 -17.22 0.87 15.27
N TYR A 205 -16.63 0.13 16.22
CA TYR A 205 -16.15 -1.21 15.92
C TYR A 205 -17.30 -2.15 15.55
N GLU A 206 -18.53 -1.82 15.94
CA GLU A 206 -19.67 -2.65 15.56
C GLU A 206 -19.75 -2.81 14.05
N ALA A 207 -19.22 -1.85 13.29
CA ALA A 207 -19.23 -1.94 11.83
C ALA A 207 -18.27 -2.99 11.30
N ASN A 208 -17.37 -3.51 12.13
CA ASN A 208 -16.44 -4.55 11.71
C ASN A 208 -16.99 -5.96 11.90
N CYS A 209 -17.95 -6.13 12.80
CA CYS A 209 -18.30 -7.47 13.29
C CYS A 209 -18.95 -8.32 12.20
N SER A 210 -19.95 -7.77 11.50
CA SER A 210 -20.72 -8.57 10.57
C SER A 210 -19.85 -9.09 9.43
N GLY A 211 -19.05 -8.20 8.82
CA GLY A 211 -18.22 -8.62 7.71
C GLY A 211 -17.13 -9.59 8.12
N LEU A 212 -16.59 -9.42 9.33
CA LEU A 212 -15.60 -10.37 9.83
C LEU A 212 -16.21 -11.76 9.97
N GLU A 213 -17.44 -11.85 10.47
CA GLU A 213 -18.09 -13.14 10.62
C GLU A 213 -18.42 -13.75 9.26
N LYS A 214 -18.91 -12.93 8.32
CA LYS A 214 -19.18 -13.42 6.97
C LYS A 214 -17.91 -13.92 6.31
N LEU A 215 -16.80 -13.20 6.50
CA LEU A 215 -15.53 -13.66 5.93
C LEU A 215 -15.12 -14.99 6.54
N ARG A 216 -15.25 -15.13 7.86
CA ARG A 216 -14.95 -16.40 8.50
C ARG A 216 -15.76 -17.53 7.87
N GLN A 217 -17.08 -17.31 7.71
CA GLN A 217 -17.93 -18.34 7.13
C GLN A 217 -17.50 -18.68 5.71
N THR A 218 -17.29 -17.65 4.88
CA THR A 218 -16.93 -17.88 3.49
C THR A 218 -15.59 -18.61 3.39
N MET A 219 -14.60 -18.16 4.16
CA MET A 219 -13.27 -18.78 4.08
C MET A 219 -13.32 -20.24 4.51
N GLU A 220 -14.01 -20.54 5.60
CA GLU A 220 -14.10 -21.93 6.07
C GLU A 220 -14.79 -22.80 5.03
N SER A 221 -15.78 -22.26 4.33
CA SER A 221 -16.46 -23.03 3.28
C SER A 221 -15.55 -23.24 2.09
N VAL A 222 -14.99 -22.16 1.55
CA VAL A 222 -14.21 -22.26 0.32
C VAL A 222 -12.89 -23.00 0.57
N GLY A 223 -12.29 -22.79 1.74
CA GLY A 223 -11.03 -23.42 2.06
C GLY A 223 -11.11 -24.79 2.68
N SER A 224 -12.32 -25.23 3.04
CA SER A 224 -12.53 -26.55 3.63
C SER A 224 -11.70 -26.73 4.90
N PHE A 225 -11.92 -25.83 5.86
CA PHE A 225 -11.23 -25.90 7.14
C PHE A 225 -12.02 -25.10 8.16
N GLN A 226 -11.50 -25.08 9.39
CA GLN A 226 -12.03 -24.25 10.46
C GLN A 226 -10.90 -23.43 11.06
N PHE A 227 -11.14 -22.15 11.27
CA PHE A 227 -10.24 -21.36 12.09
C PHE A 227 -10.27 -21.89 13.52
N PRO A 228 -9.15 -21.88 14.24
CA PRO A 228 -9.18 -22.26 15.66
C PRO A 228 -9.99 -21.23 16.44
N SER A 229 -11.06 -21.69 17.08
CA SER A 229 -11.93 -20.77 17.81
C SER A 229 -11.17 -20.02 18.90
N SER A 230 -10.08 -20.60 19.41
CA SER A 230 -9.35 -20.00 20.52
C SER A 230 -8.56 -18.76 20.10
N SER A 231 -8.35 -18.56 18.80
CA SER A 231 -7.44 -17.50 18.36
C SER A 231 -8.07 -16.12 18.52
N ALA A 232 -9.30 -15.95 18.02
CA ALA A 232 -9.88 -14.61 17.92
C ALA A 232 -10.09 -13.98 19.29
N VAL A 233 -9.63 -12.74 19.44
CA VAL A 233 -9.91 -11.98 20.64
C VAL A 233 -11.37 -11.53 20.62
N VAL A 234 -12.10 -11.85 21.70
CA VAL A 234 -13.51 -11.52 21.81
C VAL A 234 -13.72 -10.76 23.11
N THR A 235 -14.24 -9.53 23.00
CA THR A 235 -14.49 -8.71 24.18
C THR A 235 -15.98 -8.70 24.53
N GLN B 10 16.72 23.72 11.47
CA GLN B 10 16.15 22.44 11.04
C GLN B 10 17.20 21.59 10.36
N PRO B 11 17.43 20.38 10.90
CA PRO B 11 18.40 19.48 10.27
C PRO B 11 17.90 19.01 8.92
N LYS B 12 18.85 18.80 7.99
CA LYS B 12 18.47 18.35 6.68
C LYS B 12 17.96 16.91 6.75
N PRO B 13 17.08 16.52 5.82
CA PRO B 13 16.55 15.15 5.85
C PRO B 13 17.65 14.13 5.61
N ILE B 14 17.47 12.96 6.22
CA ILE B 14 18.36 11.81 6.03
C ILE B 14 17.55 10.73 5.33
N LEU B 15 18.06 10.23 4.22
CA LEU B 15 17.38 9.19 3.45
C LEU B 15 18.21 7.92 3.49
N TYR B 16 17.68 6.88 4.15
CA TYR B 16 18.26 5.56 4.09
C TYR B 16 17.74 4.87 2.83
N TYR B 17 18.66 4.33 2.04
CA TYR B 17 18.31 3.97 0.67
C TYR B 17 19.18 2.83 0.18
N ASP B 18 18.64 2.13 -0.82
CA ASP B 18 19.40 1.25 -1.71
C ASP B 18 18.79 1.49 -3.08
N GLU B 19 19.57 2.04 -4.01
CA GLU B 19 18.96 2.54 -5.23
C GLU B 19 18.43 1.45 -6.16
N ARG B 20 18.66 0.17 -5.85
CA ARG B 20 17.99 -0.89 -6.59
C ARG B 20 16.49 -0.88 -6.35
N SER B 21 16.05 -0.34 -5.21
CA SER B 21 14.64 -0.27 -4.86
C SER B 21 13.92 0.73 -5.75
N PRO B 22 12.85 0.33 -6.45
CA PRO B 22 12.08 1.30 -7.23
C PRO B 22 11.52 2.43 -6.37
N PRO B 23 10.90 2.11 -5.23
CA PRO B 23 10.41 3.19 -4.36
C PRO B 23 11.50 4.11 -3.85
N VAL B 24 12.71 3.59 -3.61
CA VAL B 24 13.85 4.47 -3.34
C VAL B 24 14.08 5.41 -4.51
N ARG B 25 14.09 4.87 -5.72
CA ARG B 25 14.37 5.69 -6.90
C ARG B 25 13.32 6.77 -7.10
N SER B 26 12.07 6.51 -6.72
CA SER B 26 11.06 7.56 -6.78
C SER B 26 11.44 8.73 -5.90
N CYS B 27 11.93 8.45 -4.69
CA CYS B 27 12.35 9.51 -3.79
C CYS B 27 13.58 10.24 -4.32
N LEU B 28 14.53 9.49 -4.90
CA LEU B 28 15.70 10.11 -5.49
C LEU B 28 15.31 11.05 -6.64
N MET B 29 14.30 10.65 -7.43
CA MET B 29 13.85 11.51 -8.51
C MET B 29 13.26 12.81 -7.99
N LEU B 30 12.42 12.73 -6.94
CA LEU B 30 11.84 13.93 -6.38
C LEU B 30 12.91 14.83 -5.76
N ILE B 31 13.90 14.23 -5.09
CA ILE B 31 14.99 15.01 -4.52
C ILE B 31 15.71 15.79 -5.60
N LYS B 32 15.95 15.16 -6.76
CA LYS B 32 16.57 15.86 -7.88
C LYS B 32 15.64 16.92 -8.46
N LEU B 33 14.36 16.59 -8.61
CA LEU B 33 13.41 17.53 -9.18
C LEU B 33 13.35 18.82 -8.37
N LEU B 34 13.43 18.72 -7.04
CA LEU B 34 13.23 19.85 -6.15
C LEU B 34 14.52 20.40 -5.56
N ASP B 35 15.67 19.88 -5.97
CA ASP B 35 16.97 20.35 -5.47
C ASP B 35 17.07 20.24 -3.96
N ILE B 36 16.54 19.15 -3.40
CA ILE B 36 16.51 18.99 -1.95
C ILE B 36 17.88 18.54 -1.46
N ASP B 37 18.40 19.25 -0.46
CA ASP B 37 19.65 18.88 0.19
C ASP B 37 19.35 17.78 1.21
N VAL B 38 19.83 16.57 0.93
N VAL B 38 19.81 16.57 0.93
CA VAL B 38 19.50 15.39 1.70
CA VAL B 38 19.61 15.46 1.85
C VAL B 38 20.76 14.57 1.91
C VAL B 38 20.95 14.80 2.13
N GLU B 39 20.95 14.07 3.14
N GLU B 39 21.01 14.09 3.25
CA GLU B 39 22.09 13.21 3.48
CA GLU B 39 22.10 13.17 3.53
C GLU B 39 21.71 11.75 3.22
C GLU B 39 21.64 11.77 3.15
N LEU B 40 22.34 11.15 2.21
CA LEU B 40 22.04 9.78 1.84
C LEU B 40 22.86 8.82 2.71
N ARG B 41 22.21 7.76 3.18
CA ARG B 41 22.87 6.71 3.93
C ARG B 41 22.52 5.38 3.29
N PHE B 42 23.53 4.71 2.73
CA PHE B 42 23.31 3.50 1.95
C PHE B 42 23.10 2.31 2.88
N VAL B 43 22.01 1.58 2.65
CA VAL B 43 21.69 0.36 3.38
C VAL B 43 21.67 -0.75 2.33
N ASN B 44 22.69 -1.62 2.38
CA ASN B 44 22.86 -2.63 1.33
C ASN B 44 21.88 -3.76 1.58
N LEU B 45 20.78 -3.77 0.82
CA LEU B 45 19.74 -4.77 1.02
C LEU B 45 20.25 -6.18 0.71
N PHE B 46 21.18 -6.33 -0.22
N PHE B 46 21.20 -6.31 -0.19
CA PHE B 46 21.68 -7.65 -0.54
CA PHE B 46 21.71 -7.63 -0.56
C PHE B 46 22.56 -8.22 0.56
C PHE B 46 22.76 -8.16 0.41
N LYS B 47 23.10 -7.39 1.44
CA LYS B 47 23.89 -7.85 2.57
C LYS B 47 23.03 -7.94 3.83
N GLY B 48 21.72 -7.73 3.71
CA GLY B 48 20.84 -7.78 4.86
C GLY B 48 21.03 -6.66 5.85
N GLU B 49 21.59 -5.53 5.42
CA GLU B 49 21.88 -4.44 6.35
C GLU B 49 20.62 -3.78 6.89
N GLN B 50 19.46 -4.01 6.26
CA GLN B 50 18.21 -3.51 6.82
C GLN B 50 17.84 -4.19 8.13
N PHE B 51 18.52 -5.29 8.47
CA PHE B 51 18.29 -6.00 9.71
C PHE B 51 19.29 -5.63 10.81
N GLN B 52 20.19 -4.68 10.53
CA GLN B 52 21.09 -4.19 11.56
C GLN B 52 20.28 -3.58 12.71
N LYS B 53 20.70 -3.86 13.94
CA LYS B 53 19.88 -3.54 15.11
C LYS B 53 19.41 -2.09 15.10
N ASP B 54 20.30 -1.16 14.78
CA ASP B 54 19.93 0.25 14.83
C ASP B 54 18.93 0.61 13.73
N PHE B 55 19.00 -0.05 12.58
CA PHE B 55 18.03 0.25 11.53
C PHE B 55 16.66 -0.35 11.83
N LEU B 56 16.60 -1.60 12.27
CA LEU B 56 15.33 -2.16 12.77
C LEU B 56 14.74 -1.28 13.86
N ALA B 57 15.56 -0.87 14.83
CA ALA B 57 15.08 0.03 15.87
C ALA B 57 14.42 1.26 15.25
N LEU B 58 14.98 1.75 14.16
CA LEU B 58 14.44 2.92 13.48
C LEU B 58 13.21 2.57 12.64
N ASN B 59 13.29 1.48 11.89
CA ASN B 59 12.19 1.04 11.01
C ASN B 59 11.96 -0.46 11.22
N PRO B 60 10.96 -0.82 12.03
CA PRO B 60 10.70 -2.25 12.25
C PRO B 60 10.33 -3.01 10.98
N GLN B 61 9.90 -2.32 9.93
CA GLN B 61 9.61 -2.96 8.66
C GLN B 61 10.86 -3.29 7.86
N HIS B 62 12.04 -2.91 8.35
CA HIS B 62 13.33 -3.17 7.69
C HIS B 62 13.24 -2.92 6.19
N SER B 63 12.80 -1.72 5.83
CA SER B 63 12.57 -1.38 4.43
C SER B 63 13.22 -0.04 4.09
N VAL B 64 13.59 0.09 2.82
CA VAL B 64 14.01 1.37 2.25
C VAL B 64 13.01 1.73 1.16
N PRO B 65 12.73 3.02 0.92
CA PRO B 65 13.38 4.14 1.61
C PRO B 65 12.84 4.39 3.01
N THR B 66 13.71 4.89 3.89
CA THR B 66 13.31 5.40 5.19
C THR B 66 13.89 6.81 5.31
N LEU B 67 13.05 7.75 5.71
CA LEU B 67 13.46 9.15 5.85
C LEU B 67 13.41 9.56 7.32
N VAL B 68 14.49 10.17 7.78
CA VAL B 68 14.54 10.80 9.10
C VAL B 68 14.71 12.29 8.86
N HIS B 69 13.70 13.07 9.26
CA HIS B 69 13.73 14.52 9.07
C HIS B 69 13.39 15.15 10.41
N GLY B 70 14.42 15.51 11.16
CA GLY B 70 14.22 15.93 12.54
C GLY B 70 13.77 14.75 13.39
N ASP B 71 12.63 14.88 14.04
CA ASP B 71 12.06 13.80 14.84
C ASP B 71 11.15 12.88 14.04
N LEU B 72 10.84 13.24 12.80
CA LEU B 72 9.89 12.49 11.99
C LEU B 72 10.61 11.37 11.25
N VAL B 73 10.11 10.15 11.41
CA VAL B 73 10.64 8.97 10.73
C VAL B 73 9.55 8.43 9.82
N LEU B 74 9.82 8.42 8.52
CA LEU B 74 8.89 7.92 7.53
C LEU B 74 9.44 6.64 6.92
N THR B 75 8.60 5.61 6.83
CA THR B 75 9.03 4.29 6.41
C THR B 75 8.30 3.81 5.15
N ASP B 76 7.79 4.72 4.35
CA ASP B 76 7.14 4.37 3.09
C ASP B 76 7.41 5.46 2.07
N SER B 77 7.79 5.06 0.86
CA SER B 77 8.15 6.03 -0.17
C SER B 77 7.03 7.02 -0.43
N HIS B 78 5.78 6.57 -0.34
CA HIS B 78 4.66 7.45 -0.69
C HIS B 78 4.45 8.54 0.35
N ALA B 79 4.66 8.22 1.63
CA ALA B 79 4.67 9.26 2.64
C ALA B 79 5.86 10.17 2.48
N ILE B 80 7.02 9.62 2.09
CA ILE B 80 8.21 10.43 1.90
C ILE B 80 8.00 11.42 0.77
N LEU B 81 7.42 10.96 -0.35
CA LEU B 81 7.16 11.85 -1.47
C LEU B 81 6.22 12.98 -1.06
N ILE B 82 5.15 12.65 -0.35
CA ILE B 82 4.20 13.67 0.07
C ILE B 82 4.84 14.65 1.04
N HIS B 83 5.57 14.12 2.02
CA HIS B 83 6.24 14.97 3.00
C HIS B 83 7.21 15.93 2.32
N LEU B 84 8.08 15.41 1.46
CA LEU B 84 9.07 16.26 0.81
C LEU B 84 8.42 17.30 -0.11
N ALA B 85 7.36 16.89 -0.82
CA ALA B 85 6.64 17.86 -1.64
C ALA B 85 6.04 18.97 -0.79
N GLU B 86 5.52 18.62 0.38
CA GLU B 86 4.86 19.61 1.22
C GLU B 86 5.86 20.58 1.86
N LYS B 87 7.02 20.08 2.30
CA LYS B 87 8.06 20.96 2.82
C LYS B 87 8.76 21.77 1.74
N PHE B 88 9.08 21.13 0.62
CA PHE B 88 10.04 21.70 -0.31
C PHE B 88 9.43 22.15 -1.62
N ASP B 89 8.12 22.00 -1.80
CA ASP B 89 7.48 22.39 -3.05
C ASP B 89 6.08 22.92 -2.79
N GLU B 90 5.90 23.67 -1.70
CA GLU B 90 4.62 24.31 -1.44
C GLU B 90 4.23 25.19 -2.63
N GLY B 91 3.03 24.96 -3.15
CA GLY B 91 2.56 25.70 -4.30
C GLY B 91 2.96 25.13 -5.64
N GLY B 92 3.54 23.92 -5.67
CA GLY B 92 3.88 23.27 -6.91
C GLY B 92 2.74 22.43 -7.45
N SER B 93 2.96 21.88 -8.66
CA SER B 93 1.98 21.02 -9.29
C SER B 93 2.19 19.54 -9.02
N LEU B 94 3.32 19.17 -8.41
CA LEU B 94 3.59 17.77 -8.13
C LEU B 94 2.58 17.19 -7.16
N TRP B 95 2.19 17.99 -6.16
CA TRP B 95 1.26 17.56 -5.11
C TRP B 95 0.21 18.66 -5.02
N PRO B 96 -0.76 18.64 -5.94
CA PRO B 96 -1.64 19.81 -6.11
C PRO B 96 -2.42 20.14 -4.86
N GLN B 97 -2.72 21.42 -4.70
CA GLN B 97 -3.43 21.90 -3.52
C GLN B 97 -4.92 21.61 -3.59
N GLU B 98 -5.52 21.64 -4.78
CA GLU B 98 -6.95 21.39 -4.91
C GLU B 98 -7.28 19.98 -4.43
N HIS B 99 -8.32 19.87 -3.59
CA HIS B 99 -8.66 18.60 -2.98
C HIS B 99 -8.85 17.50 -4.03
N ALA B 100 -9.74 17.73 -5.00
CA ALA B 100 -10.03 16.69 -5.98
C ALA B 100 -8.77 16.23 -6.70
N GLU B 101 -7.92 17.17 -7.10
CA GLU B 101 -6.67 16.81 -7.76
C GLU B 101 -5.75 16.06 -6.82
N ARG B 102 -5.65 16.51 -5.56
CA ARG B 102 -4.79 15.82 -4.60
C ARG B 102 -5.26 14.39 -4.35
N MET B 103 -6.56 14.20 -4.17
CA MET B 103 -7.08 12.85 -3.96
C MET B 103 -6.77 11.96 -5.16
N LYS B 104 -6.84 12.51 -6.37
CA LYS B 104 -6.52 11.72 -7.55
C LYS B 104 -5.06 11.27 -7.54
N VAL B 105 -4.15 12.17 -7.19
CA VAL B 105 -2.74 11.80 -7.07
C VAL B 105 -2.58 10.75 -5.99
N LEU B 106 -3.20 10.97 -4.82
CA LEU B 106 -3.13 10.00 -3.73
C LEU B 106 -3.66 8.64 -4.18
N ASN B 107 -4.77 8.64 -4.91
CA ASN B 107 -5.35 7.38 -5.37
C ASN B 107 -4.38 6.61 -6.26
N LEU B 108 -3.62 7.33 -7.10
CA LEU B 108 -2.66 6.69 -7.99
C LEU B 108 -1.42 6.23 -7.23
N LEU B 109 -0.96 7.01 -6.25
CA LEU B 109 0.12 6.55 -5.39
C LEU B 109 -0.23 5.22 -4.74
N LEU B 110 -1.49 5.09 -4.30
CA LEU B 110 -1.91 3.86 -3.64
C LEU B 110 -2.07 2.72 -4.64
N PHE B 111 -2.44 3.03 -5.89
CA PHE B 111 -2.39 2.01 -6.93
C PHE B 111 -0.99 1.47 -7.11
N GLU B 112 0.02 2.34 -7.13
CA GLU B 112 1.40 1.89 -7.26
C GLU B 112 1.77 0.97 -6.11
N CYS B 113 1.41 1.35 -4.88
CA CYS B 113 1.74 0.53 -3.73
C CYS B 113 1.01 -0.80 -3.74
N SER B 114 -0.32 -0.75 -3.90
CA SER B 114 -1.16 -1.93 -3.68
C SER B 114 -1.24 -2.85 -4.88
N PHE B 115 -0.98 -2.36 -6.09
CA PHE B 115 -1.22 -3.13 -7.30
C PHE B 115 0.05 -3.29 -8.13
N LEU B 116 0.62 -2.19 -8.63
CA LEU B 116 1.76 -2.31 -9.53
C LEU B 116 3.00 -2.81 -8.80
N PHE B 117 3.39 -2.15 -7.70
CA PHE B 117 4.57 -2.60 -6.98
C PHE B 117 4.35 -3.98 -6.36
N ARG B 118 3.16 -4.22 -5.80
CA ARG B 118 2.89 -5.53 -5.21
C ARG B 118 3.14 -6.64 -6.22
N ARG B 119 2.67 -6.46 -7.46
CA ARG B 119 2.81 -7.50 -8.46
C ARG B 119 4.24 -7.62 -8.96
N ASP B 120 4.93 -6.48 -9.11
CA ASP B 120 6.35 -6.57 -9.46
C ASP B 120 7.15 -7.20 -8.34
N SER B 121 6.85 -6.84 -7.09
CA SER B 121 7.53 -7.47 -5.95
C SER B 121 7.27 -8.97 -5.92
N ASP B 122 6.03 -9.38 -6.17
CA ASP B 122 5.72 -10.80 -6.24
C ASP B 122 6.61 -11.50 -7.26
N PHE B 123 6.76 -10.90 -8.43
CA PHE B 123 7.53 -11.52 -9.50
C PHE B 123 9.02 -11.58 -9.15
N MET B 124 9.57 -10.44 -8.71
CA MET B 124 10.99 -10.42 -8.35
C MET B 124 11.27 -11.33 -7.17
N SER B 125 10.37 -11.36 -6.19
CA SER B 125 10.53 -12.26 -5.06
C SER B 125 10.56 -13.71 -5.51
N ALA B 126 9.67 -14.07 -6.45
CA ALA B 126 9.66 -15.45 -6.95
C ALA B 126 10.99 -15.81 -7.59
N ILE B 127 11.61 -14.87 -8.30
CA ILE B 127 12.92 -15.12 -8.89
C ILE B 127 13.93 -15.48 -7.80
N VAL B 128 13.96 -14.68 -6.74
CA VAL B 128 14.92 -14.91 -5.66
C VAL B 128 14.62 -16.20 -4.93
N ARG B 129 13.35 -16.43 -4.60
CA ARG B 129 12.99 -17.62 -3.82
C ARG B 129 13.17 -18.90 -4.64
N GLN B 130 12.77 -18.88 -5.91
CA GLN B 130 12.68 -20.10 -6.70
C GLN B 130 13.79 -20.24 -7.72
N GLY B 131 14.45 -19.14 -8.11
CA GLY B 131 15.32 -19.15 -9.25
C GLY B 131 14.55 -18.85 -10.51
N PHE B 132 15.11 -18.02 -11.40
CA PHE B 132 14.39 -17.61 -12.59
C PHE B 132 13.90 -18.81 -13.39
N ALA B 133 14.74 -19.85 -13.52
CA ALA B 133 14.39 -21.00 -14.33
C ALA B 133 13.15 -21.72 -13.82
N ASN B 134 12.74 -21.48 -12.58
CA ASN B 134 11.61 -22.16 -11.99
C ASN B 134 10.40 -21.25 -11.77
N VAL B 135 10.50 -19.98 -12.13
CA VAL B 135 9.39 -19.05 -11.96
C VAL B 135 8.35 -19.30 -13.03
N ASP B 136 7.08 -19.26 -12.64
CA ASP B 136 5.96 -19.32 -13.58
C ASP B 136 5.87 -17.94 -14.25
N VAL B 137 6.70 -17.75 -15.27
CA VAL B 137 6.81 -16.44 -15.91
C VAL B 137 5.48 -16.04 -16.54
N ALA B 138 4.76 -17.01 -17.12
CA ALA B 138 3.48 -16.70 -17.75
C ALA B 138 2.49 -16.14 -16.73
N HIS B 139 2.48 -16.69 -15.52
CA HIS B 139 1.59 -16.20 -14.49
C HIS B 139 1.88 -14.74 -14.16
N HIS B 140 3.15 -14.42 -13.91
CA HIS B 140 3.50 -13.04 -13.58
C HIS B 140 3.37 -12.11 -14.78
N GLU B 141 3.59 -12.63 -15.99
CA GLU B 141 3.34 -11.82 -17.18
C GLU B 141 1.87 -11.42 -17.26
N ARG B 142 0.98 -12.32 -16.85
CA ARG B 142 -0.43 -11.96 -16.80
C ARG B 142 -0.73 -10.87 -15.77
N LYS B 143 -0.32 -11.08 -14.51
CA LYS B 143 -0.65 -10.13 -13.43
C LYS B 143 -0.11 -8.72 -13.82
N LEU B 144 1.10 -8.68 -14.36
CA LEU B 144 1.76 -7.41 -14.64
C LEU B 144 1.27 -6.78 -15.94
N THR B 145 0.95 -7.59 -16.95
CA THR B 145 0.29 -7.02 -18.12
C THR B 145 -1.06 -6.41 -17.74
N GLU B 146 -1.75 -7.00 -16.77
CA GLU B 146 -2.97 -6.40 -16.26
C GLU B 146 -2.70 -5.00 -15.69
N ALA B 147 -1.57 -4.83 -15.02
CA ALA B 147 -1.19 -3.50 -14.53
C ALA B 147 -0.93 -2.54 -15.69
N TYR B 148 -0.23 -3.01 -16.73
CA TYR B 148 -0.06 -2.19 -17.93
C TYR B 148 -1.42 -1.75 -18.48
N ILE B 149 -2.36 -2.69 -18.60
CA ILE B 149 -3.68 -2.37 -19.13
C ILE B 149 -4.33 -1.26 -18.31
N ILE B 150 -4.25 -1.36 -16.98
CA ILE B 150 -4.87 -0.37 -16.12
C ILE B 150 -4.25 1.00 -16.32
N MET B 151 -2.91 1.05 -16.41
CA MET B 151 -2.23 2.33 -16.58
C MET B 151 -2.52 2.93 -17.95
N GLU B 152 -2.61 2.08 -18.97
CA GLU B 152 -3.01 2.54 -20.30
C GLU B 152 -4.37 3.22 -20.23
N ARG B 153 -5.28 2.68 -19.41
CA ARG B 153 -6.60 3.31 -19.25
C ARG B 153 -6.49 4.61 -18.47
N TYR B 154 -5.67 4.64 -17.43
CA TYR B 154 -5.48 5.89 -16.68
C TYR B 154 -5.00 7.01 -17.59
N LEU B 155 -4.29 6.68 -18.65
CA LEU B 155 -3.71 7.67 -19.55
C LEU B 155 -4.66 8.05 -20.68
N GLU B 156 -5.90 7.55 -20.67
CA GLU B 156 -6.82 7.82 -21.76
C GLU B 156 -7.03 9.32 -21.97
N ASN B 157 -7.25 10.04 -20.88
CA ASN B 157 -7.64 11.45 -20.97
C ASN B 157 -6.49 12.42 -20.70
N SER B 158 -5.34 11.95 -20.23
CA SER B 158 -4.32 12.87 -19.74
C SER B 158 -2.93 12.45 -20.20
N ASP B 159 -2.03 13.43 -20.27
CA ASP B 159 -0.64 13.20 -20.61
C ASP B 159 0.11 12.47 -19.50
N PHE B 160 -0.37 12.58 -18.25
CA PHE B 160 0.30 11.99 -17.10
C PHE B 160 -0.70 11.17 -16.32
N MET B 161 -0.19 10.44 -15.33
CA MET B 161 -1.00 9.42 -14.66
C MET B 161 -2.19 10.03 -13.92
N ALA B 162 -2.00 11.21 -13.32
CA ALA B 162 -3.04 11.82 -12.50
C ALA B 162 -3.64 13.08 -13.12
N GLY B 163 -3.30 13.39 -14.37
CA GLY B 163 -3.87 14.54 -15.02
C GLY B 163 -2.94 15.16 -16.05
N PRO B 164 -3.17 16.45 -16.35
CA PRO B 164 -2.39 17.10 -17.42
C PRO B 164 -0.96 17.43 -17.05
N GLN B 165 -0.57 17.31 -15.78
CA GLN B 165 0.76 17.71 -15.33
C GLN B 165 1.42 16.58 -14.56
N LEU B 166 2.75 16.60 -14.57
CA LEU B 166 3.51 15.63 -13.78
C LEU B 166 3.18 15.81 -12.31
N THR B 167 2.97 14.69 -11.61
CA THR B 167 2.69 14.70 -10.19
C THR B 167 3.52 13.62 -9.51
N LEU B 168 3.41 13.56 -8.19
CA LEU B 168 4.08 12.52 -7.41
C LEU B 168 3.73 11.14 -7.93
N ALA B 169 2.51 10.96 -8.44
CA ALA B 169 2.09 9.65 -8.93
C ALA B 169 2.99 9.17 -10.06
N ASP B 170 3.39 10.08 -10.96
CA ASP B 170 4.28 9.69 -12.05
C ASP B 170 5.64 9.25 -11.54
N LEU B 171 6.16 9.96 -10.54
CA LEU B 171 7.46 9.58 -9.98
C LEU B 171 7.40 8.21 -9.34
N SER B 172 6.34 7.93 -8.58
CA SER B 172 6.21 6.62 -7.94
C SER B 172 6.04 5.51 -8.97
N ILE B 173 5.23 5.76 -10.00
CA ILE B 173 4.90 4.69 -10.96
C ILE B 173 6.06 4.41 -11.92
N VAL B 174 6.79 5.44 -12.34
CA VAL B 174 7.76 5.26 -13.41
C VAL B 174 8.91 4.36 -12.96
N THR B 175 9.35 4.51 -11.71
CA THR B 175 10.46 3.68 -11.24
C THR B 175 10.08 2.21 -11.23
N THR B 176 8.89 1.90 -10.72
CA THR B 176 8.42 0.51 -10.74
C THR B 176 8.13 0.05 -12.16
N LEU B 177 7.52 0.92 -12.98
CA LEU B 177 7.33 0.60 -14.39
C LEU B 177 8.64 0.12 -15.02
N SER B 178 9.68 0.96 -14.95
CA SER B 178 10.95 0.64 -15.57
C SER B 178 11.52 -0.67 -15.06
N THR B 179 11.22 -1.04 -13.81
CA THR B 179 11.67 -2.32 -13.30
C THR B 179 10.88 -3.47 -13.93
N VAL B 180 9.56 -3.31 -14.01
CA VAL B 180 8.75 -4.29 -14.75
C VAL B 180 9.21 -4.38 -16.19
N ASN B 181 9.55 -3.23 -16.79
CA ASN B 181 9.93 -3.17 -18.20
C ASN B 181 11.26 -3.85 -18.48
N LEU B 182 12.06 -4.16 -17.45
CA LEU B 182 13.24 -4.97 -17.66
C LEU B 182 12.89 -6.32 -18.28
N MET B 183 11.69 -6.82 -17.97
CA MET B 183 11.26 -8.14 -18.40
C MET B 183 10.14 -8.09 -19.44
N PHE B 184 9.23 -7.12 -19.35
CA PHE B 184 8.04 -7.08 -20.18
C PHE B 184 7.96 -5.78 -20.97
N PRO B 185 8.01 -5.85 -22.30
CA PRO B 185 8.05 -4.62 -23.10
C PRO B 185 6.70 -3.91 -23.14
N LEU B 186 6.73 -2.69 -23.66
CA LEU B 186 5.58 -1.80 -23.70
C LEU B 186 5.07 -1.56 -25.11
N SER B 187 5.50 -2.36 -26.09
CA SER B 187 5.16 -2.11 -27.48
C SER B 187 3.65 -2.17 -27.72
N GLN B 188 2.90 -2.87 -26.89
CA GLN B 188 1.47 -3.05 -27.07
C GLN B 188 0.64 -2.02 -26.33
N PHE B 189 1.26 -0.98 -25.79
CA PHE B 189 0.59 0.00 -24.94
C PHE B 189 1.01 1.38 -25.40
N PRO B 190 0.36 1.92 -26.43
CA PRO B 190 0.85 3.17 -27.03
C PRO B 190 0.87 4.35 -26.06
N ARG B 191 -0.20 4.54 -25.28
CA ARG B 191 -0.20 5.63 -24.31
C ARG B 191 0.90 5.43 -23.27
N LEU B 192 1.00 4.20 -22.75
CA LEU B 192 1.98 3.92 -21.71
C LEU B 192 3.40 4.09 -22.24
N ARG B 193 3.66 3.63 -23.47
CA ARG B 193 5.00 3.77 -24.03
C ARG B 193 5.36 5.23 -24.28
N ARG B 194 4.42 6.01 -24.83
CA ARG B 194 4.67 7.44 -24.99
C ARG B 194 4.94 8.11 -23.64
N TRP B 195 4.14 7.76 -22.63
CA TRP B 195 4.34 8.33 -21.30
C TRP B 195 5.71 7.96 -20.75
N PHE B 196 6.10 6.70 -20.87
CA PHE B 196 7.39 6.26 -20.35
C PHE B 196 8.55 6.95 -21.08
N THR B 197 8.44 7.06 -22.40
CA THR B 197 9.46 7.79 -23.16
C THR B 197 9.55 9.24 -22.70
N ALA B 198 8.40 9.88 -22.50
CA ALA B 198 8.40 11.26 -22.03
C ALA B 198 9.03 11.37 -20.65
N MET B 199 8.71 10.44 -19.75
CA MET B 199 9.32 10.44 -18.43
C MET B 199 10.83 10.30 -18.53
N GLN B 200 11.30 9.46 -19.46
CA GLN B 200 12.73 9.22 -19.62
C GLN B 200 13.48 10.47 -20.09
N GLN B 201 12.78 11.44 -20.67
CA GLN B 201 13.41 12.69 -21.09
C GLN B 201 13.58 13.69 -19.96
N LEU B 202 12.93 13.46 -18.82
CA LEU B 202 13.05 14.38 -17.69
C LEU B 202 14.48 14.38 -17.17
N ASP B 203 14.97 15.57 -16.83
CA ASP B 203 16.27 15.65 -16.17
C ASP B 203 16.30 14.78 -14.93
N ALA B 204 15.23 14.81 -14.13
CA ALA B 204 15.18 14.04 -12.89
C ALA B 204 15.19 12.54 -13.12
N TYR B 205 14.81 12.07 -14.32
CA TYR B 205 14.86 10.63 -14.57
C TYR B 205 16.28 10.09 -14.49
N GLU B 206 17.29 10.94 -14.62
CA GLU B 206 18.66 10.49 -14.40
C GLU B 206 18.80 9.79 -13.06
N ALA B 207 18.02 10.22 -12.05
CA ALA B 207 18.09 9.60 -10.74
C ALA B 207 17.64 8.15 -10.74
N ASN B 208 16.91 7.73 -11.77
CA ASN B 208 16.45 6.34 -11.87
C ASN B 208 17.47 5.43 -12.53
N CYS B 209 18.42 5.98 -13.28
CA CYS B 209 19.22 5.17 -14.20
C CYS B 209 20.15 4.22 -13.45
N SER B 210 20.92 4.74 -12.50
CA SER B 210 21.95 3.92 -11.86
C SER B 210 21.34 2.75 -11.12
N GLY B 211 20.29 3.00 -10.32
CA GLY B 211 19.69 1.93 -9.54
C GLY B 211 19.01 0.88 -10.40
N LEU B 212 18.36 1.31 -11.49
CA LEU B 212 17.73 0.34 -12.38
C LEU B 212 18.77 -0.60 -12.98
N GLU B 213 19.90 -0.05 -13.44
CA GLU B 213 20.96 -0.88 -13.99
C GLU B 213 21.58 -1.77 -12.92
N LYS B 214 21.75 -1.25 -11.71
CA LYS B 214 22.28 -2.08 -10.62
C LYS B 214 21.32 -3.20 -10.27
N LEU B 215 20.02 -2.92 -10.30
CA LEU B 215 19.03 -3.96 -9.99
C LEU B 215 19.08 -5.07 -11.03
N ARG B 216 19.09 -4.70 -12.31
CA ARG B 216 19.22 -5.70 -13.37
C ARG B 216 20.44 -6.58 -13.12
N GLN B 217 21.58 -5.97 -12.85
CA GLN B 217 22.81 -6.74 -12.67
C GLN B 217 22.71 -7.66 -11.46
N THR B 218 22.17 -7.16 -10.35
CA THR B 218 22.10 -8.01 -9.16
C THR B 218 21.05 -9.10 -9.35
N MET B 219 19.89 -8.76 -9.91
CA MET B 219 18.87 -9.76 -10.17
C MET B 219 19.38 -10.87 -11.07
N GLU B 220 20.29 -10.54 -12.01
CA GLU B 220 20.76 -11.53 -12.96
C GLU B 220 21.76 -12.50 -12.33
N SER B 221 22.57 -12.03 -11.37
CA SER B 221 23.40 -12.94 -10.61
C SER B 221 22.58 -13.79 -9.66
N VAL B 222 21.68 -13.16 -8.89
CA VAL B 222 20.89 -13.90 -7.91
C VAL B 222 19.89 -14.81 -8.61
N GLY B 223 19.25 -14.32 -9.69
CA GLY B 223 18.36 -15.16 -10.46
C GLY B 223 19.07 -16.17 -11.34
N SER B 224 20.38 -16.02 -11.53
CA SER B 224 21.15 -16.90 -12.40
C SER B 224 20.59 -16.94 -13.82
N PHE B 225 20.16 -15.79 -14.32
CA PHE B 225 19.62 -15.74 -15.68
C PHE B 225 20.08 -14.44 -16.32
N GLN B 226 19.47 -14.10 -17.44
CA GLN B 226 19.55 -12.78 -18.02
C GLN B 226 18.15 -12.35 -18.43
N PHE B 227 17.77 -11.14 -18.05
CA PHE B 227 16.51 -10.58 -18.52
C PHE B 227 16.51 -10.59 -20.04
N PRO B 228 15.35 -10.80 -20.67
CA PRO B 228 15.29 -10.72 -22.13
C PRO B 228 15.68 -9.35 -22.68
N SER B 229 15.63 -8.31 -21.86
CA SER B 229 16.04 -6.98 -22.29
C SER B 229 17.56 -6.85 -22.23
C1 H1X C . -9.74 -10.29 1.27
C2 H1X C . -9.97 -10.49 2.62
C15 H1X C . -11.07 -12.62 -1.11
C16 H1X C . -10.00 -13.41 -0.73
C17 H1X C . -9.41 -14.27 -1.66
C18 H1X C . -9.90 -14.33 -2.95
C19 H1X C . -10.96 -13.54 -3.32
C20 H1X C . -11.55 -12.68 -2.40
C21 H1X C . -9.45 -13.35 0.69
C25 H1X C . -11.52 -13.60 -4.75
C26 H1X C . -10.63 -14.50 -5.60
C27 H1X C . -11.55 -12.19 -5.34
C28 H1X C . -12.94 -14.16 -4.72
C3 H1X C . -8.92 -10.65 3.50
C4 H1X C . -7.61 -10.60 3.03
C5 H1X C . -7.38 -10.39 1.67
C6 H1X C . -8.43 -10.24 0.80
C7 H1X C . -8.16 -10.01 -0.69
N1 H1X C . -10.86 -10.14 0.35
O13 H1X C . -12.16 -12.17 1.31
O14 H1X C . -13.12 -10.99 -0.54
O8 H1X C . -6.98 -9.94 -1.11
O9 H1X C . -9.12 -9.89 -1.50
S12 H1X C . -11.88 -11.48 0.05
N1 GSH D . -5.11 -1.31 -1.17
CA1 GSH D . -6.47 -1.54 -1.53
C1 GSH D . -7.41 -0.83 -0.53
O11 GSH D . -8.61 -0.58 -0.86
O12 GSH D . -6.98 -0.51 0.62
CB1 GSH D . -6.75 -3.05 -1.52
CG1 GSH D . -8.13 -3.28 -2.23
CD1 GSH D . -8.40 -4.80 -2.41
OE1 GSH D . -7.52 -5.53 -2.78
N2 GSH D . -9.75 -5.31 -2.13
CA2 GSH D . -10.06 -6.72 -2.29
C2 GSH D . -10.84 -6.87 -3.61
O2 GSH D . -11.64 -6.05 -3.92
CB2 GSH D . -10.91 -7.19 -1.14
SG2 GSH D . -9.97 -7.04 0.39
N3 GSH D . -10.59 -8.01 -4.48
CA3 GSH D . -11.32 -8.14 -5.73
C3 GSH D . -10.35 -8.54 -6.80
O31 GSH D . -10.76 -9.09 -7.84
O32 GSH D . -9.13 -8.30 -6.65
C1 H1X E . -2.19 15.86 3.21
C2 H1X E . -1.23 14.90 3.51
C15 H1X E . -1.94 20.11 4.36
C16 H1X E . -1.48 21.10 5.22
C17 H1X E . -1.63 22.44 4.93
C18 H1X E . -2.26 22.83 3.77
C19 H1X E . -2.75 21.87 2.89
C20 H1X E . -2.59 20.51 3.19
C21 H1X E . -0.77 20.72 6.52
C25 H1X E . -3.44 22.36 1.62
C26 H1X E . -4.63 21.45 1.30
C27 H1X E . -2.46 22.37 0.45
C28 H1X E . -3.98 23.77 1.84
C3 H1X E . -1.37 13.60 3.01
C4 H1X E . -2.43 13.24 2.18
C5 H1X E . -3.38 14.20 1.87
C6 H1X E . -3.24 15.48 2.38
C7 H1X E . -4.25 16.56 2.07
N1 H1X E . -2.26 17.29 3.58
O13 H1X E . -2.59 18.23 6.02
O14 H1X E . -0.34 18.08 5.27
O8 H1X E . -3.95 17.76 2.31
O9 H1X E . -5.37 16.25 1.58
S12 H1X E . -1.73 18.35 4.84
C1 H1X F . 12.65 -5.25 -5.20
C2 H1X F . 13.06 -4.80 -6.44
C15 H1X F . 15.95 -6.27 -2.90
C16 H1X F . 17.30 -6.19 -2.66
C17 H1X F . 17.90 -7.09 -1.79
C18 H1X F . 17.13 -8.06 -1.16
C19 H1X F . 15.77 -8.14 -1.41
C20 H1X F . 15.18 -7.24 -2.28
C21 H1X F . 18.10 -5.10 -3.37
C25 H1X F . 14.92 -9.20 -0.71
C26 H1X F . 14.05 -8.52 0.34
C27 H1X F . 15.84 -10.21 -0.02
C28 H1X F . 14.03 -9.91 -1.72
C3 H1X F . 12.11 -4.54 -7.41
C4 H1X F . 10.77 -4.75 -7.15
C5 H1X F . 10.36 -5.20 -5.90
C6 H1X F . 11.31 -5.45 -4.94
C7 H1X F . 10.96 -5.95 -3.53
N1 H1X F . 13.55 -5.54 -4.10
O13 H1X F . 15.81 -5.23 -5.38
O14 H1X F . 15.34 -3.74 -3.55
O8 H1X F . 11.87 -6.06 -2.67
O9 H1X F . 9.78 -6.26 -3.24
S12 H1X F . 15.18 -5.11 -4.06
N1 GSH G . 5.43 0.41 0.22
CA1 GSH G . 6.79 0.53 0.61
C1 GSH G . 7.37 1.87 0.06
O11 GSH G . 6.83 2.41 -0.95
O12 GSH G . 8.37 2.40 0.62
CB1 GSH G . 7.60 -0.65 0.06
CG1 GSH G . 9.01 -0.61 0.71
CD1 GSH G . 9.82 -1.87 0.31
OE1 GSH G . 9.27 -2.94 0.21
N2 GSH G . 11.27 -1.75 0.04
CA2 GSH G . 12.04 -2.92 -0.32
C2 GSH G . 12.91 -3.33 0.88
O2 GSH G . 13.40 -2.50 1.55
CB2 GSH G . 12.93 -2.57 -1.50
SG2 GSH G . 11.91 -2.34 -2.96
N3 GSH G . 13.11 -4.75 1.18
CA3 GSH G . 13.94 -5.11 2.32
C3 GSH G . 13.17 -6.04 3.22
O31 GSH G . 11.91 -6.07 3.16
O32 GSH G . 13.77 -6.78 4.02
S1 DTT H . 7.08 20.26 -10.99
C1 DTT H . 8.52 20.11 -12.08
C2 DTT H . 8.07 19.55 -13.41
O2 DTT H . 7.84 18.16 -13.22
C3 DTT H . 9.01 19.68 -14.60
O3 DTT H . 10.17 18.93 -14.42
C4 DTT H . 8.25 19.14 -15.82
S4 DTT H . 8.29 20.17 -17.30
HS1 DTT H . 7.41 19.55 -10.44
H11 DTT H . 9.25 19.46 -11.63
H12 DTT H . 8.97 21.10 -12.22
H2 DTT H . 7.20 20.14 -13.69
HO2 DTT H . 8.38 17.65 -13.86
H3 DTT H . 9.31 20.72 -14.74
HO3 DTT H . 10.27 18.29 -15.15
H41 DTT H . 8.65 18.16 -16.06
H42 DTT H . 7.21 19.01 -15.53
HS2 DTT H . 7.87 19.46 -17.80
#